data_6LI2
#
_entry.id   6LI2
#
_cell.length_a   77.223
_cell.length_b   113.229
_cell.length_c   138.615
_cell.angle_alpha   90.00
_cell.angle_beta   90.00
_cell.angle_gamma   90.00
#
_symmetry.space_group_name_H-M   'I 2 2 2'
#
loop_
_entity.id
_entity.type
_entity.pdbx_description
1 polymer 'Chimera of G-protein coupled receptor 52 and Rubredoxin'
2 non-polymer 'ZINC ION'
3 non-polymer '(2R)-2,3-dihydroxypropyl (9Z)-octadec-9-enoate'
4 non-polymer DI(HYDROXYETHYL)ETHER
5 water water
#
_entity_poly.entity_id   1
_entity_poly.type   'polypeptide(L)'
_entity_poly.pdbx_seq_one_letter_code
;GGIVNVSERHSCPLGFGHYSVVDVCIFETVVIVLLTFLIIAGNLTVIFVFHCAPLLHHYTTSYFIQTMAYADLFVGVSCL
VPTLSLLHYSTGVHESLTCQVFGYIISVLKSVSMWCLACISVDRYLAITKPLSYNQLVTPCRLRICIILIWIYSCLIFLP
SFFGWGKPGYHGDIFEWCATSWLTSAYFTGFIVCLLYAPAAFVVCFTYFHIFKICRQHTKMKKYTCTVCGYIYNPEDGDP
DNGVNPGTDFKDIPDDWVCPLCGVGKDQFEEVEEYLMVLFRITSVFYMLQLPYIIYFLLESSRVLDNPTLSFLTTWLAIS
NSFCNPVIYALSDSTFRLGLRRLSETMCTSCMEFLEVLFQGPHHHHHHHHHH
;
_entity_poly.pdbx_strand_id   A
#
loop_
_chem_comp.id
_chem_comp.type
_chem_comp.name
_chem_comp.formula
OLC non-polymer '(2R)-2,3-dihydroxypropyl (9Z)-octadec-9-enoate' 'C21 H40 O4'
PEG non-polymer DI(HYDROXYETHYL)ETHER 'C4 H10 O3'
ZN non-polymer 'ZINC ION' 'Zn 2'
#
# COMPACT_ATOMS: atom_id res chain seq x y z
N GLU A 8 -8.17 -14.02 26.67
CA GLU A 8 -6.91 -14.25 25.91
C GLU A 8 -5.84 -13.27 26.41
N ARG A 9 -4.70 -13.78 26.85
CA ARG A 9 -3.62 -12.94 27.42
C ARG A 9 -2.85 -12.22 26.31
N HIS A 10 -2.45 -10.98 26.55
CA HIS A 10 -1.75 -10.21 25.50
C HIS A 10 -0.42 -9.71 26.03
N SER A 11 0.49 -9.41 25.13
CA SER A 11 1.78 -8.77 25.46
C SER A 11 1.56 -7.30 25.20
N CYS A 12 1.53 -6.49 26.27
CA CYS A 12 1.23 -5.04 26.14
C CYS A 12 2.36 -4.24 26.76
N PRO A 13 3.47 -4.05 26.01
CA PRO A 13 4.65 -3.36 26.52
C PRO A 13 4.64 -1.83 26.50
N LEU A 14 3.65 -1.20 25.87
CA LEU A 14 3.66 0.28 25.75
C LEU A 14 3.22 0.92 27.06
N GLY A 15 3.45 2.21 27.22
CA GLY A 15 3.19 2.86 28.52
C GLY A 15 3.87 2.11 29.66
N PHE A 16 5.15 1.82 29.45
CA PHE A 16 6.10 1.04 30.29
C PHE A 16 5.92 1.27 31.80
N GLY A 17 5.42 0.27 32.53
CA GLY A 17 5.37 0.29 34.00
C GLY A 17 4.30 1.22 34.53
N HIS A 18 3.43 1.75 33.68
CA HIS A 18 2.35 2.68 34.13
C HIS A 18 0.99 2.01 34.05
N TYR A 19 0.93 0.79 33.53
CA TYR A 19 -0.37 0.14 33.31
C TYR A 19 -0.93 -0.34 34.65
N SER A 20 -2.26 -0.43 34.71
CA SER A 20 -3.06 -0.88 35.88
C SER A 20 -4.16 -1.83 35.40
N VAL A 21 -5.00 -2.32 36.32
CA VAL A 21 -6.02 -3.36 36.00
C VAL A 21 -7.05 -2.78 35.01
N VAL A 22 -7.14 -1.47 34.87
CA VAL A 22 -8.17 -0.86 33.96
C VAL A 22 -7.50 -0.23 32.74
N ASP A 23 -6.20 0.05 32.82
CA ASP A 23 -5.39 0.79 31.83
C ASP A 23 -4.62 -0.19 30.94
N VAL A 24 -4.55 -1.47 31.31
CA VAL A 24 -3.68 -2.44 30.60
C VAL A 24 -4.14 -2.56 29.13
N CYS A 25 -3.17 -2.66 28.20
CA CYS A 25 -3.37 -2.88 26.75
C CYS A 25 -4.22 -1.78 26.13
N ILE A 26 -3.99 -0.52 26.47
CA ILE A 26 -4.85 0.56 25.90
C ILE A 26 -4.15 1.16 24.68
N PHE A 27 -2.86 1.48 24.76
CA PHE A 27 -2.10 2.07 23.63
C PHE A 27 -2.00 1.04 22.50
N GLU A 28 -1.86 -0.22 22.86
CA GLU A 28 -1.82 -1.31 21.84
C GLU A 28 -3.21 -1.42 21.22
N THR A 29 -4.28 -1.33 22.01
CA THR A 29 -5.65 -1.50 21.47
C THR A 29 -6.03 -0.34 20.55
N VAL A 30 -5.61 0.90 20.84
CA VAL A 30 -5.99 2.01 19.92
C VAL A 30 -5.27 1.80 18.58
N VAL A 31 -4.00 1.43 18.59
CA VAL A 31 -3.21 1.27 17.34
C VAL A 31 -3.84 0.19 16.47
N ILE A 32 -4.20 -0.95 17.06
CA ILE A 32 -4.70 -2.12 16.29
C ILE A 32 -6.10 -1.81 15.78
N VAL A 33 -6.97 -1.33 16.65
CA VAL A 33 -8.38 -1.05 16.30
C VAL A 33 -8.43 0.04 15.22
N LEU A 34 -7.55 1.03 15.27
CA LEU A 34 -7.54 2.08 14.22
C LEU A 34 -7.10 1.45 12.91
N LEU A 35 -5.96 0.76 12.94
CA LEU A 35 -5.40 0.16 11.73
C LEU A 35 -6.41 -0.81 11.17
N THR A 36 -7.04 -1.66 12.00
CA THR A 36 -8.04 -2.63 11.47
C THR A 36 -9.15 -1.88 10.72
N PHE A 37 -9.54 -0.72 11.24
CA PHE A 37 -10.63 0.08 10.64
C PHE A 37 -10.11 0.72 9.35
N LEU A 38 -9.00 1.44 9.46
CA LEU A 38 -8.46 2.23 8.32
C LEU A 38 -8.10 1.34 7.11
N ILE A 39 -7.64 0.12 7.38
CA ILE A 39 -7.21 -0.83 6.32
C ILE A 39 -8.47 -1.44 5.72
N ILE A 40 -9.46 -1.83 6.53
CA ILE A 40 -10.70 -2.45 5.96
C ILE A 40 -11.40 -1.38 5.12
N ALA A 41 -11.70 -0.22 5.71
CA ALA A 41 -12.39 0.92 5.05
C ALA A 41 -11.59 1.41 3.84
N GLY A 42 -10.29 1.70 4.02
CA GLY A 42 -9.40 2.29 3.00
C GLY A 42 -9.28 1.44 1.76
N ASN A 43 -9.37 0.11 1.88
CA ASN A 43 -9.26 -0.78 0.70
C ASN A 43 -10.66 -1.03 0.13
N LEU A 44 -11.69 -1.06 0.98
CA LEU A 44 -13.07 -1.31 0.51
C LEU A 44 -13.52 -0.13 -0.36
N THR A 45 -13.00 1.07 -0.09
CA THR A 45 -13.36 2.26 -0.90
C THR A 45 -12.67 2.12 -2.25
N VAL A 46 -11.40 1.71 -2.22
CA VAL A 46 -10.59 1.58 -3.47
C VAL A 46 -11.19 0.48 -4.36
N ILE A 47 -11.62 -0.65 -3.81
CA ILE A 47 -12.12 -1.76 -4.67
C ILE A 47 -13.54 -1.46 -5.18
N PHE A 48 -14.24 -0.50 -4.60
CA PHE A 48 -15.62 -0.18 -5.08
C PHE A 48 -15.55 0.99 -6.06
N VAL A 49 -14.43 1.72 -6.08
CA VAL A 49 -14.33 2.91 -6.95
C VAL A 49 -13.54 2.54 -8.21
N PHE A 50 -12.35 2.00 -8.08
CA PHE A 50 -11.48 1.71 -9.25
C PHE A 50 -11.51 0.24 -9.65
N HIS A 51 -11.91 -0.67 -8.77
CA HIS A 51 -11.84 -2.12 -9.10
C HIS A 51 -13.25 -2.69 -9.32
N CYS A 52 -14.23 -1.81 -9.57
CA CYS A 52 -15.63 -2.20 -9.87
C CYS A 52 -16.19 -1.19 -10.86
N LEU A 56 -9.29 0.49 -16.07
CA LEU A 56 -9.18 1.45 -17.20
C LEU A 56 -7.93 2.35 -16.99
N HIS A 57 -6.75 1.74 -16.95
CA HIS A 57 -5.45 2.46 -16.81
C HIS A 57 -4.41 1.79 -17.73
N HIS A 58 -3.37 1.16 -17.17
CA HIS A 58 -2.28 0.54 -17.95
C HIS A 58 -2.47 -0.99 -18.06
N TYR A 59 -3.57 -1.52 -17.50
CA TYR A 59 -4.05 -2.93 -17.61
C TYR A 59 -3.21 -3.94 -16.82
N THR A 60 -1.93 -4.19 -17.10
CA THR A 60 -1.22 -5.22 -16.31
C THR A 60 -1.07 -4.71 -14.88
N THR A 61 -0.67 -3.46 -14.71
CA THR A 61 -0.50 -2.83 -13.38
C THR A 61 -1.86 -2.81 -12.69
N SER A 62 -2.92 -2.52 -13.43
CA SER A 62 -4.31 -2.47 -12.92
C SER A 62 -4.66 -3.81 -12.27
N TYR A 63 -4.01 -4.90 -12.65
CA TYR A 63 -4.35 -6.25 -12.13
C TYR A 63 -3.52 -6.50 -10.87
N PHE A 64 -2.24 -6.11 -10.90
CA PHE A 64 -1.33 -6.27 -9.72
C PHE A 64 -1.86 -5.37 -8.59
N ILE A 65 -2.28 -4.16 -8.94
CA ILE A 65 -2.90 -3.18 -7.98
C ILE A 65 -4.21 -3.77 -7.45
N GLN A 66 -5.00 -4.40 -8.31
CA GLN A 66 -6.32 -4.99 -7.93
C GLN A 66 -6.06 -6.10 -6.92
N THR A 67 -5.04 -6.91 -7.18
CA THR A 67 -4.67 -8.09 -6.35
C THR A 67 -4.23 -7.58 -4.97
N MET A 68 -3.30 -6.60 -4.96
CA MET A 68 -2.76 -6.10 -3.68
C MET A 68 -3.79 -5.28 -2.93
N ALA A 69 -4.87 -4.87 -3.59
CA ALA A 69 -6.04 -4.27 -2.91
C ALA A 69 -6.70 -5.32 -2.02
N TYR A 70 -7.03 -6.48 -2.59
CA TYR A 70 -7.64 -7.63 -1.87
C TYR A 70 -6.64 -8.20 -0.85
N ALA A 71 -5.34 -8.15 -1.17
CA ALA A 71 -4.29 -8.57 -0.21
C ALA A 71 -4.32 -7.64 1.01
N ASP A 72 -4.32 -6.32 0.78
CA ASP A 72 -4.30 -5.31 1.85
C ASP A 72 -5.65 -5.34 2.58
N LEU A 73 -6.74 -5.62 1.88
CA LEU A 73 -8.06 -5.67 2.57
C LEU A 73 -8.05 -6.84 3.56
N PHE A 74 -7.51 -7.99 3.13
CA PHE A 74 -7.60 -9.18 3.98
C PHE A 74 -6.54 -9.10 5.08
N VAL A 75 -5.65 -8.11 5.02
CA VAL A 75 -4.69 -7.89 6.15
C VAL A 75 -5.54 -7.33 7.29
N GLY A 76 -6.33 -6.30 7.01
CA GLY A 76 -7.22 -5.66 7.99
C GLY A 76 -8.34 -6.59 8.42
N VAL A 77 -8.83 -7.45 7.53
CA VAL A 77 -9.89 -8.44 7.86
C VAL A 77 -9.32 -9.43 8.89
N SER A 78 -8.08 -9.86 8.70
CA SER A 78 -7.36 -10.74 9.64
C SER A 78 -7.12 -9.97 10.94
N CYS A 79 -6.89 -8.66 10.83
CA CYS A 79 -6.55 -7.84 12.01
C CYS A 79 -7.81 -7.66 12.87
N LEU A 80 -8.95 -8.26 12.46
CA LEU A 80 -10.18 -8.24 13.31
C LEU A 80 -9.95 -9.20 14.47
N VAL A 81 -9.13 -10.24 14.26
CA VAL A 81 -8.79 -11.21 15.33
C VAL A 81 -8.14 -10.46 16.50
N PRO A 82 -6.91 -9.89 16.42
CA PRO A 82 -6.37 -9.14 17.56
C PRO A 82 -7.36 -8.13 18.17
N THR A 83 -8.05 -7.32 17.36
CA THR A 83 -8.96 -6.27 17.91
C THR A 83 -10.03 -6.90 18.79
N LEU A 84 -10.65 -8.02 18.36
CA LEU A 84 -11.76 -8.67 19.11
C LEU A 84 -11.18 -9.37 20.36
N SER A 85 -9.98 -9.93 20.29
CA SER A 85 -9.37 -10.55 21.50
C SER A 85 -9.05 -9.44 22.51
N LEU A 86 -8.51 -8.33 22.02
CA LEU A 86 -8.13 -7.12 22.80
C LEU A 86 -9.41 -6.46 23.33
N LEU A 87 -10.55 -6.81 22.73
CA LEU A 87 -11.86 -6.24 23.13
C LEU A 87 -12.59 -7.27 24.00
N HIS A 88 -11.84 -8.22 24.56
CA HIS A 88 -12.28 -9.25 25.54
C HIS A 88 -13.28 -10.22 24.91
N TYR A 89 -13.39 -10.23 23.58
CA TYR A 89 -14.23 -11.27 22.92
C TYR A 89 -13.31 -12.47 22.66
N SER A 90 -13.81 -13.68 22.93
CA SER A 90 -12.99 -14.91 22.80
C SER A 90 -13.86 -16.07 22.31
N THR A 91 -13.20 -17.02 21.65
CA THR A 91 -13.74 -18.37 21.32
C THR A 91 -12.95 -19.40 22.12
N GLY A 92 -13.50 -20.59 22.37
CA GLY A 92 -12.82 -21.64 23.15
C GLY A 92 -11.71 -22.33 22.37
N VAL A 93 -10.72 -21.54 21.92
CA VAL A 93 -9.58 -22.02 21.09
C VAL A 93 -8.28 -21.53 21.74
N HIS A 94 -7.27 -22.41 21.88
CA HIS A 94 -5.92 -22.06 22.38
C HIS A 94 -5.42 -20.80 21.69
N GLU A 95 -4.83 -19.89 22.45
CA GLU A 95 -4.19 -18.67 21.89
C GLU A 95 -3.03 -19.04 20.97
N SER A 96 -2.28 -20.10 21.31
CA SER A 96 -1.11 -20.58 20.53
C SER A 96 -1.50 -20.83 19.07
N LEU A 97 -2.78 -21.13 18.80
CA LEU A 97 -3.25 -21.51 17.45
C LEU A 97 -3.66 -20.25 16.68
N THR A 98 -4.43 -19.36 17.31
CA THR A 98 -4.94 -18.14 16.64
C THR A 98 -3.77 -17.18 16.38
N CYS A 99 -2.73 -17.20 17.22
CA CYS A 99 -1.62 -16.26 16.93
C CYS A 99 -0.65 -16.91 15.95
N GLN A 100 -0.81 -18.21 15.72
CA GLN A 100 0.07 -18.97 14.80
C GLN A 100 -0.47 -18.83 13.39
N VAL A 101 -1.80 -18.78 13.27
CA VAL A 101 -2.55 -18.75 11.99
C VAL A 101 -2.52 -17.30 11.46
N PHE A 102 -2.89 -16.35 12.32
CA PHE A 102 -2.92 -14.91 12.02
C PHE A 102 -1.54 -14.43 11.56
N GLY A 103 -0.47 -14.80 12.27
CA GLY A 103 0.89 -14.32 11.98
C GLY A 103 1.37 -14.87 10.66
N TYR A 104 0.89 -16.06 10.31
CA TYR A 104 1.17 -16.76 9.02
C TYR A 104 0.44 -16.00 7.91
N ILE A 105 -0.87 -15.83 8.06
CA ILE A 105 -1.78 -15.20 7.06
C ILE A 105 -1.23 -13.82 6.74
N ILE A 106 -0.87 -13.04 7.75
CA ILE A 106 -0.42 -11.63 7.55
C ILE A 106 0.90 -11.67 6.78
N SER A 107 1.84 -12.47 7.25
CA SER A 107 3.17 -12.54 6.61
C SER A 107 2.96 -12.87 5.13
N VAL A 108 2.06 -13.82 4.83
CA VAL A 108 1.80 -14.27 3.43
C VAL A 108 1.21 -13.11 2.64
N LEU A 109 0.17 -12.47 3.16
CA LEU A 109 -0.51 -11.33 2.50
C LEU A 109 0.51 -10.20 2.30
N LYS A 110 1.39 -10.00 3.27
CA LYS A 110 2.46 -8.97 3.23
C LYS A 110 3.48 -9.31 2.14
N SER A 111 3.61 -10.57 1.77
CA SER A 111 4.53 -11.03 0.71
C SER A 111 3.83 -10.81 -0.63
N VAL A 112 2.53 -11.10 -0.65
CA VAL A 112 1.71 -10.94 -1.88
C VAL A 112 1.75 -9.47 -2.34
N SER A 113 1.54 -8.53 -1.41
CA SER A 113 1.59 -7.08 -1.72
C SER A 113 3.02 -6.67 -2.05
N MET A 114 4.01 -7.17 -1.31
CA MET A 114 5.42 -6.82 -1.57
C MET A 114 5.82 -7.29 -2.99
N TRP A 115 5.33 -8.46 -3.41
CA TRP A 115 5.70 -9.02 -4.73
C TRP A 115 4.98 -8.27 -5.82
N CYS A 116 3.65 -8.09 -5.64
CA CYS A 116 2.78 -7.28 -6.53
C CYS A 116 3.51 -5.98 -6.86
N LEU A 117 4.19 -5.37 -5.91
CA LEU A 117 4.89 -4.07 -6.16
C LEU A 117 6.19 -4.34 -6.91
N ALA A 118 6.76 -5.52 -6.76
CA ALA A 118 7.96 -5.96 -7.50
C ALA A 118 7.61 -6.35 -8.94
N CYS A 119 6.37 -6.76 -9.21
CA CYS A 119 5.97 -7.22 -10.56
C CYS A 119 5.55 -6.02 -11.41
N ILE A 120 4.93 -5.05 -10.77
CA ILE A 120 4.57 -3.73 -11.38
C ILE A 120 5.87 -3.03 -11.81
N SER A 121 6.90 -3.08 -10.96
CA SER A 121 8.21 -2.42 -11.15
C SER A 121 8.91 -2.98 -12.39
N VAL A 122 8.83 -4.31 -12.56
CA VAL A 122 9.43 -5.08 -13.70
C VAL A 122 8.61 -4.77 -14.96
N ASP A 123 7.28 -4.77 -14.83
CA ASP A 123 6.34 -4.54 -15.96
C ASP A 123 6.59 -3.14 -16.55
N ARG A 124 6.82 -2.18 -15.68
CA ARG A 124 7.07 -0.77 -16.09
C ARG A 124 8.52 -0.69 -16.63
N TYR A 125 9.41 -1.53 -16.11
CA TYR A 125 10.82 -1.63 -16.59
C TYR A 125 10.82 -2.13 -18.05
N LEU A 126 10.08 -3.21 -18.30
CA LEU A 126 10.02 -3.91 -19.62
C LEU A 126 9.32 -3.02 -20.67
N ALA A 127 8.31 -2.27 -20.26
CA ALA A 127 7.57 -1.36 -21.16
C ALA A 127 8.53 -0.29 -21.66
N ILE A 128 9.39 0.23 -20.77
CA ILE A 128 10.33 1.34 -21.10
C ILE A 128 11.59 0.80 -21.81
N THR A 129 12.10 -0.39 -21.47
CA THR A 129 13.39 -0.91 -22.00
C THR A 129 13.20 -1.68 -23.33
N LYS A 130 12.10 -2.45 -23.47
CA LYS A 130 11.76 -3.20 -24.70
C LYS A 130 10.37 -2.74 -25.17
N PRO A 131 10.23 -1.48 -25.66
CA PRO A 131 8.93 -0.96 -26.09
C PRO A 131 8.34 -1.67 -27.32
N LEU A 132 9.18 -2.33 -28.13
CA LEU A 132 8.76 -3.11 -29.32
C LEU A 132 8.14 -4.44 -28.88
N SER A 133 8.76 -5.09 -27.88
CA SER A 133 8.45 -6.47 -27.49
C SER A 133 7.43 -6.51 -26.35
N TYR A 134 7.19 -5.40 -25.66
CA TYR A 134 6.37 -5.34 -24.41
C TYR A 134 5.03 -6.09 -24.53
N ASN A 135 4.21 -5.79 -25.56
CA ASN A 135 2.87 -6.42 -25.74
C ASN A 135 3.01 -7.91 -26.14
N GLN A 136 4.17 -8.32 -26.65
CA GLN A 136 4.44 -9.72 -27.11
C GLN A 136 4.98 -10.57 -25.95
N LEU A 137 5.45 -9.92 -24.87
CA LEU A 137 5.95 -10.61 -23.64
C LEU A 137 4.79 -10.74 -22.64
N VAL A 138 3.91 -9.73 -22.55
CA VAL A 138 2.81 -9.67 -21.53
C VAL A 138 1.47 -9.97 -22.18
N THR A 139 0.72 -10.93 -21.62
CA THR A 139 -0.58 -11.45 -22.18
C THR A 139 -1.57 -11.72 -21.03
N PRO A 140 -2.90 -11.90 -21.29
CA PRO A 140 -3.86 -12.14 -20.20
C PRO A 140 -3.77 -13.51 -19.51
N CYS A 141 -3.01 -14.44 -20.08
CA CYS A 141 -2.77 -15.77 -19.44
C CYS A 141 -1.48 -15.68 -18.60
N ARG A 142 -0.45 -14.99 -19.12
CA ARG A 142 0.86 -14.83 -18.44
C ARG A 142 0.66 -14.05 -17.14
N LEU A 143 -0.01 -12.91 -17.22
CA LEU A 143 -0.31 -12.09 -16.01
C LEU A 143 -1.15 -12.92 -15.03
N ARG A 144 -2.05 -13.79 -15.52
CA ARG A 144 -2.95 -14.59 -14.64
C ARG A 144 -2.18 -15.73 -13.96
N ILE A 145 -1.17 -16.32 -14.64
CA ILE A 145 -0.32 -17.38 -14.01
C ILE A 145 0.69 -16.72 -13.07
N CYS A 146 1.05 -15.46 -13.31
CA CYS A 146 2.00 -14.66 -12.48
C CYS A 146 1.36 -14.34 -11.12
N ILE A 147 0.05 -14.15 -11.10
CA ILE A 147 -0.73 -13.83 -9.87
C ILE A 147 -0.72 -15.06 -8.96
N ILE A 148 -1.05 -16.25 -9.49
CA ILE A 148 -1.18 -17.45 -8.62
C ILE A 148 0.22 -17.86 -8.16
N LEU A 149 1.29 -17.54 -8.90
CA LEU A 149 2.65 -17.94 -8.47
C LEU A 149 3.11 -17.06 -7.30
N ILE A 150 2.60 -15.84 -7.19
CA ILE A 150 2.86 -15.00 -5.99
C ILE A 150 2.17 -15.63 -4.78
N TRP A 151 0.88 -15.98 -4.93
CA TRP A 151 0.04 -16.67 -3.91
C TRP A 151 0.62 -18.02 -3.49
N ILE A 152 1.27 -18.75 -4.41
CA ILE A 152 1.87 -20.07 -4.07
C ILE A 152 3.19 -19.77 -3.36
N TYR A 153 4.05 -18.97 -3.99
CA TYR A 153 5.37 -18.65 -3.41
C TYR A 153 5.24 -18.04 -2.01
N SER A 154 4.30 -17.11 -1.82
CA SER A 154 4.20 -16.49 -0.48
C SER A 154 3.86 -17.57 0.55
N CYS A 155 2.83 -18.38 0.29
CA CYS A 155 2.42 -19.47 1.22
C CYS A 155 3.61 -20.39 1.56
N LEU A 156 4.46 -20.69 0.58
CA LEU A 156 5.51 -21.71 0.78
C LEU A 156 6.72 -21.13 1.51
N ILE A 157 6.87 -19.82 1.57
CA ILE A 157 8.02 -19.23 2.32
C ILE A 157 7.66 -19.13 3.81
N PHE A 158 6.39 -19.31 4.15
CA PHE A 158 5.92 -19.19 5.55
C PHE A 158 5.23 -20.49 5.96
N LEU A 159 5.46 -21.55 5.20
CA LEU A 159 4.89 -22.90 5.48
C LEU A 159 5.71 -23.60 6.56
N PRO A 160 7.06 -23.45 6.58
CA PRO A 160 7.90 -24.06 7.62
C PRO A 160 7.47 -23.76 9.06
N SER A 161 6.94 -22.56 9.31
CA SER A 161 6.47 -22.16 10.65
C SER A 161 5.51 -23.24 11.18
N PHE A 162 4.79 -23.93 10.27
CA PHE A 162 3.84 -24.99 10.66
C PHE A 162 4.55 -26.33 10.83
N PHE A 163 5.85 -26.41 10.53
CA PHE A 163 6.67 -27.65 10.64
C PHE A 163 7.96 -27.30 11.38
N GLY A 164 7.78 -26.65 12.54
CA GLY A 164 8.79 -26.53 13.61
C GLY A 164 10.09 -25.86 13.17
N TRP A 165 10.05 -24.97 12.17
CA TRP A 165 11.27 -24.24 11.76
C TRP A 165 11.45 -22.97 12.58
N GLY A 166 10.46 -22.61 13.40
CA GLY A 166 10.62 -21.38 14.20
C GLY A 166 9.53 -20.36 13.91
N LYS A 167 9.76 -19.11 14.33
CA LYS A 167 8.79 -17.99 14.25
C LYS A 167 9.08 -17.19 13.00
N PRO A 168 8.08 -16.95 12.12
CA PRO A 168 8.28 -16.25 10.86
C PRO A 168 8.09 -14.73 10.95
N GLY A 169 7.80 -14.22 12.14
CA GLY A 169 7.62 -12.78 12.32
C GLY A 169 7.09 -12.46 13.67
N TYR A 170 6.68 -11.20 13.88
CA TYR A 170 6.15 -10.76 15.20
C TYR A 170 4.71 -10.32 15.06
N HIS A 171 4.07 -10.71 13.97
CA HIS A 171 2.68 -10.28 13.63
C HIS A 171 1.69 -10.79 14.68
N GLY A 172 2.01 -11.85 15.40
CA GLY A 172 1.10 -12.38 16.44
C GLY A 172 1.62 -12.14 17.85
N ASP A 173 2.73 -11.40 17.99
CA ASP A 173 3.35 -11.14 19.31
C ASP A 173 2.44 -10.23 20.16
N ILE A 174 1.26 -9.88 19.67
CA ILE A 174 0.32 -9.10 20.53
C ILE A 174 -0.33 -10.12 21.44
N PHE A 175 -0.48 -11.35 20.95
CA PHE A 175 -0.91 -12.50 21.77
C PHE A 175 0.26 -12.92 22.65
N GLU A 176 0.00 -13.31 23.89
CA GLU A 176 1.06 -13.68 24.85
C GLU A 176 1.83 -14.91 24.35
N TRP A 177 1.15 -15.98 23.93
CA TRP A 177 1.88 -17.23 23.60
C TRP A 177 2.94 -16.96 22.53
N CYS A 178 2.62 -16.19 21.51
CA CYS A 178 3.56 -15.96 20.39
C CYS A 178 4.75 -15.09 20.82
N ALA A 179 4.59 -14.25 21.82
CA ALA A 179 5.66 -13.30 22.19
C ALA A 179 6.62 -13.91 23.21
N THR A 180 6.22 -14.98 23.90
CA THR A 180 7.17 -15.55 24.91
C THR A 180 7.47 -17.03 24.63
N SER A 181 6.59 -17.76 23.96
CA SER A 181 6.78 -19.22 23.77
C SER A 181 7.39 -19.57 22.39
N TRP A 182 6.86 -19.08 21.30
CA TRP A 182 7.43 -19.36 19.95
C TRP A 182 8.70 -18.52 19.78
N LEU A 183 9.77 -19.08 19.24
CA LEU A 183 11.05 -18.31 19.11
C LEU A 183 11.49 -18.30 17.64
N THR A 184 11.96 -17.16 17.18
CA THR A 184 12.50 -17.00 15.82
C THR A 184 13.83 -17.76 15.71
N SER A 185 14.05 -18.52 14.63
CA SER A 185 15.37 -19.17 14.43
C SER A 185 16.08 -18.42 13.33
N ALA A 186 17.37 -18.20 13.47
CA ALA A 186 18.18 -17.45 12.48
C ALA A 186 18.12 -18.16 11.12
N TYR A 187 18.13 -19.50 11.12
CA TYR A 187 18.02 -20.28 9.86
C TYR A 187 16.74 -19.89 9.13
N PHE A 188 15.61 -19.89 9.84
CA PHE A 188 14.28 -19.59 9.25
C PHE A 188 14.21 -18.12 8.81
N THR A 189 14.72 -17.23 9.64
CA THR A 189 14.72 -15.79 9.36
C THR A 189 15.59 -15.54 8.13
N GLY A 190 16.77 -16.17 8.09
CA GLY A 190 17.70 -15.98 6.96
C GLY A 190 17.08 -16.47 5.68
N PHE A 191 16.37 -17.59 5.76
CA PHE A 191 15.64 -18.22 4.63
C PHE A 191 14.65 -17.22 4.06
N ILE A 192 13.75 -16.73 4.91
CA ILE A 192 12.70 -15.74 4.52
C ILE A 192 13.35 -14.51 3.90
N VAL A 193 14.34 -13.92 4.58
CA VAL A 193 14.99 -12.66 4.10
C VAL A 193 15.63 -12.88 2.73
N CYS A 194 16.36 -13.96 2.57
CA CYS A 194 17.08 -14.24 1.30
C CYS A 194 16.10 -14.63 0.18
N LEU A 195 14.99 -15.31 0.49
CA LEU A 195 14.07 -15.82 -0.57
C LEU A 195 12.85 -14.92 -0.76
N LEU A 196 12.69 -13.86 0.02
CA LEU A 196 11.51 -12.98 -0.12
C LEU A 196 11.89 -11.51 0.02
N TYR A 197 12.37 -11.10 1.19
CA TYR A 197 12.70 -9.67 1.46
C TYR A 197 13.85 -9.18 0.58
N ALA A 198 14.94 -9.95 0.45
CA ALA A 198 16.11 -9.50 -0.34
C ALA A 198 15.80 -9.46 -1.84
N PRO A 199 15.16 -10.48 -2.45
CA PRO A 199 14.84 -10.43 -3.88
C PRO A 199 13.90 -9.29 -4.30
N ALA A 200 12.78 -9.09 -3.61
CA ALA A 200 11.83 -8.03 -3.96
C ALA A 200 12.53 -6.67 -3.80
N ALA A 201 13.27 -6.49 -2.71
CA ALA A 201 13.91 -5.17 -2.47
C ALA A 201 14.90 -4.87 -3.62
N PHE A 202 15.65 -5.85 -4.08
CA PHE A 202 16.64 -5.64 -5.18
C PHE A 202 15.89 -5.45 -6.48
N VAL A 203 14.82 -6.23 -6.69
CA VAL A 203 14.00 -6.09 -7.94
C VAL A 203 13.55 -4.63 -8.03
N VAL A 204 12.89 -4.08 -7.00
CA VAL A 204 12.31 -2.69 -7.04
C VAL A 204 13.44 -1.66 -7.02
N CYS A 205 14.63 -2.00 -6.53
CA CYS A 205 15.73 -1.01 -6.48
C CYS A 205 16.36 -0.91 -7.87
N PHE A 206 16.46 -2.03 -8.58
CA PHE A 206 17.09 -2.07 -9.93
C PHE A 206 16.15 -1.44 -10.96
N THR A 207 14.86 -1.80 -10.93
CA THR A 207 13.86 -1.30 -11.92
C THR A 207 13.70 0.22 -11.76
N TYR A 208 13.34 0.71 -10.57
CA TYR A 208 13.12 2.16 -10.37
C TYR A 208 14.42 2.96 -10.53
N PHE A 209 15.60 2.42 -10.25
CA PHE A 209 16.88 3.11 -10.54
C PHE A 209 16.99 3.35 -12.06
N HIS A 210 16.83 2.29 -12.87
CA HIS A 210 17.03 2.35 -14.34
C HIS A 210 15.88 3.09 -15.03
N ILE A 211 14.64 2.94 -14.57
CA ILE A 211 13.45 3.65 -15.14
C ILE A 211 13.66 5.18 -15.04
N PHE A 212 14.14 5.67 -13.90
CA PHE A 212 14.43 7.12 -13.69
C PHE A 212 15.76 7.49 -14.36
N LYS A 213 16.62 6.51 -14.65
CA LYS A 213 17.89 6.79 -15.38
C LYS A 213 17.56 7.17 -16.84
N ILE A 214 16.58 6.46 -17.43
CA ILE A 214 16.10 6.60 -18.85
C ILE A 214 15.26 7.88 -18.98
N CYS A 215 14.37 8.11 -18.01
CA CYS A 215 13.40 9.23 -18.02
C CYS A 215 14.14 10.57 -17.90
N ARG A 216 15.20 10.62 -17.10
CA ARG A 216 16.03 11.85 -16.84
C ARG A 216 16.55 12.43 -18.17
N GLN A 217 16.73 11.62 -19.21
CA GLN A 217 17.15 12.13 -20.54
C GLN A 217 15.93 12.69 -21.28
N HIS A 218 14.88 11.89 -21.41
CA HIS A 218 13.60 12.25 -22.10
C HIS A 218 12.73 13.17 -21.25
N THR A 219 12.84 14.51 -21.42
CA THR A 219 12.12 15.54 -20.60
C THR A 219 10.73 15.81 -21.19
N LYS A 220 9.75 14.96 -20.88
CA LYS A 220 8.32 15.06 -21.30
C LYS A 220 7.64 16.30 -20.66
N MET A 221 6.71 16.93 -21.38
CA MET A 221 5.95 18.11 -20.92
C MET A 221 4.76 17.66 -20.05
N LYS A 222 4.53 18.36 -18.93
CA LYS A 222 3.53 17.94 -17.91
C LYS A 222 2.09 18.31 -18.34
N LYS A 223 1.15 17.35 -18.24
CA LYS A 223 -0.32 17.57 -18.37
C LYS A 223 -0.84 18.32 -17.14
N TYR A 224 -1.93 19.09 -17.28
CA TYR A 224 -2.55 19.80 -16.13
C TYR A 224 -4.05 19.60 -16.17
N THR A 225 -4.67 19.51 -15.01
CA THR A 225 -6.12 19.21 -15.01
C THR A 225 -6.83 20.41 -14.41
N CYS A 226 -8.10 20.58 -14.77
CA CYS A 226 -8.95 21.62 -14.21
C CYS A 226 -9.49 21.10 -12.90
N THR A 227 -9.27 21.82 -11.81
CA THR A 227 -9.75 21.42 -10.46
C THR A 227 -11.28 21.51 -10.38
N VAL A 228 -11.94 22.27 -11.27
CA VAL A 228 -13.42 22.48 -11.21
C VAL A 228 -14.15 21.36 -12.00
N CYS A 229 -13.81 21.13 -13.27
CA CYS A 229 -14.60 20.22 -14.16
C CYS A 229 -13.76 19.02 -14.60
N GLY A 230 -12.43 19.16 -14.67
CA GLY A 230 -11.50 18.03 -14.89
C GLY A 230 -10.93 18.02 -16.29
N TYR A 231 -10.98 19.17 -16.96
CA TYR A 231 -10.41 19.35 -18.31
C TYR A 231 -8.90 19.10 -18.24
N ILE A 232 -8.36 18.27 -19.12
CA ILE A 232 -6.90 18.05 -19.17
C ILE A 232 -6.29 18.91 -20.27
N TYR A 233 -5.45 19.86 -19.87
CA TYR A 233 -4.61 20.54 -20.88
C TYR A 233 -3.47 19.60 -21.24
N ASN A 234 -3.52 19.00 -22.43
CA ASN A 234 -2.44 18.11 -22.96
C ASN A 234 -1.57 18.97 -23.86
N PRO A 235 -0.30 19.27 -23.48
CA PRO A 235 0.55 20.18 -24.26
C PRO A 235 0.87 19.71 -25.70
N GLU A 236 0.68 18.42 -25.99
CA GLU A 236 0.83 17.82 -27.37
C GLU A 236 -0.28 18.34 -28.30
N ASP A 237 -1.49 18.59 -27.76
CA ASP A 237 -2.66 19.17 -28.45
C ASP A 237 -2.69 20.70 -28.32
N GLY A 238 -2.56 21.20 -27.09
CA GLY A 238 -2.76 22.61 -26.81
C GLY A 238 -4.23 22.99 -26.90
N ASP A 239 -4.47 24.29 -27.05
CA ASP A 239 -5.83 24.85 -27.24
C ASP A 239 -5.78 25.67 -28.53
N PRO A 240 -5.83 25.05 -29.73
CA PRO A 240 -5.58 25.78 -30.97
C PRO A 240 -6.71 26.77 -31.32
N ASP A 241 -7.92 26.50 -30.84
CA ASP A 241 -9.10 27.38 -30.99
C ASP A 241 -8.81 28.72 -30.33
N ASN A 242 -8.15 28.69 -29.16
CA ASN A 242 -7.93 29.88 -28.28
C ASN A 242 -6.44 30.28 -28.34
N GLY A 243 -5.79 30.04 -29.48
CA GLY A 243 -4.49 30.63 -29.81
C GLY A 243 -3.33 29.90 -29.16
N VAL A 244 -3.62 28.79 -28.47
CA VAL A 244 -2.53 28.09 -27.72
C VAL A 244 -1.98 27.02 -28.65
N ASN A 245 -0.74 27.25 -29.12
CA ASN A 245 -0.05 26.32 -30.07
C ASN A 245 0.23 24.99 -29.36
N PRO A 246 0.10 23.86 -30.08
CA PRO A 246 0.55 22.58 -29.55
C PRO A 246 2.07 22.65 -29.37
N GLY A 247 2.58 22.03 -28.31
CA GLY A 247 4.02 22.07 -28.00
C GLY A 247 4.36 23.23 -27.08
N THR A 248 3.35 23.78 -26.39
CA THR A 248 3.61 24.83 -25.36
C THR A 248 3.29 24.24 -23.98
N ASP A 249 4.26 24.30 -23.06
CA ASP A 249 4.01 23.84 -21.68
C ASP A 249 3.00 24.78 -21.01
N PHE A 250 2.27 24.30 -20.01
CA PHE A 250 1.24 25.08 -19.27
C PHE A 250 1.87 26.37 -18.73
N LYS A 251 3.14 26.30 -18.33
CA LYS A 251 3.90 27.45 -17.75
C LYS A 251 3.97 28.59 -18.77
N ASP A 252 4.00 28.26 -20.07
CA ASP A 252 4.25 29.24 -21.17
C ASP A 252 2.95 29.92 -21.63
N ILE A 253 1.78 29.31 -21.37
CA ILE A 253 0.46 29.93 -21.73
C ILE A 253 0.31 31.24 -20.94
N PRO A 254 -0.11 32.37 -21.57
CA PRO A 254 -0.27 33.63 -20.83
C PRO A 254 -1.40 33.53 -19.80
N ASP A 255 -1.26 34.33 -18.72
CA ASP A 255 -2.16 34.29 -17.53
C ASP A 255 -3.61 34.56 -17.96
N ASP A 256 -3.76 35.24 -19.11
CA ASP A 256 -5.03 35.61 -19.77
C ASP A 256 -5.83 34.33 -20.04
N TRP A 257 -5.13 33.20 -20.25
CA TRP A 257 -5.76 31.96 -20.78
C TRP A 257 -6.74 31.39 -19.76
N VAL A 258 -7.80 30.75 -20.24
CA VAL A 258 -8.86 30.19 -19.33
C VAL A 258 -9.24 28.80 -19.83
N CYS A 259 -9.81 28.02 -18.90
CA CYS A 259 -10.29 26.63 -19.09
C CYS A 259 -11.35 26.64 -20.20
N PRO A 260 -11.15 25.90 -21.30
CA PRO A 260 -12.15 25.84 -22.37
C PRO A 260 -13.52 25.30 -21.95
N LEU A 261 -13.59 24.42 -20.95
CA LEU A 261 -14.86 23.75 -20.56
C LEU A 261 -15.63 24.58 -19.52
N CYS A 262 -14.98 25.47 -18.77
CA CYS A 262 -15.70 26.18 -17.66
C CYS A 262 -15.19 27.62 -17.46
N GLY A 263 -14.05 28.03 -18.05
CA GLY A 263 -13.59 29.42 -18.09
C GLY A 263 -12.82 29.87 -16.86
N VAL A 264 -12.50 28.95 -15.94
CA VAL A 264 -11.73 29.31 -14.71
C VAL A 264 -10.26 29.57 -15.09
N GLY A 265 -9.56 30.41 -14.34
CA GLY A 265 -8.19 30.86 -14.68
C GLY A 265 -7.16 29.73 -14.55
N LYS A 266 -5.95 29.99 -15.04
CA LYS A 266 -4.78 29.10 -14.93
C LYS A 266 -4.45 28.80 -13.46
N ASP A 267 -5.06 29.54 -12.55
CA ASP A 267 -4.86 29.34 -11.09
C ASP A 267 -5.47 28.00 -10.69
N GLN A 268 -6.60 27.62 -11.29
CA GLN A 268 -7.40 26.45 -10.84
C GLN A 268 -6.86 25.18 -11.49
N PHE A 269 -5.60 25.18 -11.95
CA PHE A 269 -5.08 23.97 -12.61
C PHE A 269 -3.89 23.38 -11.84
N GLU A 270 -4.04 22.10 -11.46
CA GLU A 270 -3.00 21.27 -10.79
C GLU A 270 -2.29 20.44 -11.86
N GLU A 271 -0.98 20.23 -11.70
CA GLU A 271 -0.19 19.31 -12.54
C GLU A 271 -0.77 17.92 -12.38
N VAL A 272 -1.05 17.24 -13.50
CA VAL A 272 -1.45 15.80 -13.50
C VAL A 272 -0.19 15.00 -13.22
N GLU A 273 -0.14 14.33 -12.07
CA GLU A 273 1.02 13.52 -11.66
C GLU A 273 1.17 12.27 -12.55
N GLU A 274 2.40 11.98 -13.00
CA GLU A 274 2.69 10.78 -13.84
C GLU A 274 2.47 9.48 -13.05
N TYR A 275 1.80 8.48 -13.67
CA TYR A 275 1.38 7.20 -13.03
C TYR A 275 2.57 6.41 -12.50
N LEU A 276 3.71 6.53 -13.18
CA LEU A 276 4.99 5.90 -12.73
C LEU A 276 5.36 6.47 -11.36
N MET A 277 5.27 7.79 -11.21
CA MET A 277 5.70 8.50 -9.99
C MET A 277 4.81 8.08 -8.82
N VAL A 278 3.52 7.84 -9.11
CA VAL A 278 2.52 7.37 -8.11
C VAL A 278 3.00 6.00 -7.59
N LEU A 279 3.35 5.10 -8.53
CA LEU A 279 3.79 3.72 -8.21
C LEU A 279 5.14 3.75 -7.49
N PHE A 280 6.00 4.72 -7.79
CA PHE A 280 7.30 4.84 -7.07
C PHE A 280 7.08 5.32 -5.63
N ARG A 281 6.04 6.12 -5.43
CA ARG A 281 5.71 6.61 -4.07
C ARG A 281 5.13 5.43 -3.29
N ILE A 282 4.17 4.71 -3.88
CA ILE A 282 3.50 3.57 -3.19
C ILE A 282 4.58 2.57 -2.80
N THR A 283 5.51 2.37 -3.72
CA THR A 283 6.65 1.44 -3.61
C THR A 283 7.62 1.91 -2.51
N SER A 284 7.95 3.20 -2.45
CA SER A 284 8.94 3.70 -1.46
C SER A 284 8.33 3.72 -0.06
N VAL A 285 7.07 4.10 0.05
CA VAL A 285 6.35 4.15 1.35
C VAL A 285 6.26 2.71 1.87
N PHE A 286 5.85 1.76 1.02
CA PHE A 286 5.53 0.38 1.44
C PHE A 286 6.79 -0.29 1.95
N TYR A 287 7.86 -0.22 1.16
CA TYR A 287 9.14 -0.90 1.43
C TYR A 287 9.86 -0.17 2.58
N MET A 288 9.57 1.11 2.80
CA MET A 288 10.23 1.85 3.93
C MET A 288 9.45 1.62 5.23
N LEU A 289 8.12 1.43 5.17
CA LEU A 289 7.29 1.19 6.38
C LEU A 289 7.61 -0.17 7.01
N GLN A 290 8.10 -1.16 6.24
CA GLN A 290 8.41 -2.51 6.79
C GLN A 290 9.93 -2.69 6.94
N LEU A 291 10.74 -1.70 6.56
CA LEU A 291 12.20 -1.74 6.74
C LEU A 291 12.56 -1.83 8.23
N PRO A 292 11.98 -1.02 9.15
CA PRO A 292 12.33 -1.15 10.57
C PRO A 292 12.05 -2.58 11.06
N TYR A 293 10.95 -3.16 10.59
CA TYR A 293 10.47 -4.50 11.00
C TYR A 293 11.44 -5.56 10.51
N ILE A 294 12.04 -5.38 9.34
CA ILE A 294 13.02 -6.41 8.87
C ILE A 294 14.32 -6.24 9.64
N ILE A 295 14.75 -5.02 9.95
CA ILE A 295 15.97 -4.78 10.77
C ILE A 295 15.74 -5.45 12.13
N TYR A 296 14.58 -5.28 12.74
CA TYR A 296 14.35 -5.87 14.09
C TYR A 296 14.30 -7.38 13.94
N PHE A 297 13.68 -7.86 12.86
CA PHE A 297 13.52 -9.30 12.56
C PHE A 297 14.89 -9.94 12.40
N LEU A 298 15.86 -9.19 11.88
CA LEU A 298 17.23 -9.73 11.70
C LEU A 298 17.92 -9.69 13.06
N LEU A 299 17.90 -8.56 13.75
CA LEU A 299 18.58 -8.41 15.06
C LEU A 299 18.04 -9.42 16.08
N GLU A 300 16.73 -9.51 16.25
CA GLU A 300 16.20 -10.46 17.26
C GLU A 300 16.56 -11.90 16.84
N SER A 301 16.43 -12.26 15.56
CA SER A 301 16.77 -13.63 15.10
C SER A 301 18.25 -13.91 15.37
N SER A 302 19.09 -12.88 15.29
CA SER A 302 20.56 -12.98 15.53
C SER A 302 20.84 -12.89 17.04
N ARG A 303 19.81 -12.64 17.85
CA ARG A 303 19.87 -12.49 19.32
C ARG A 303 20.78 -11.32 19.67
N VAL A 304 20.93 -10.33 18.79
CA VAL A 304 21.72 -9.11 19.11
C VAL A 304 20.82 -8.10 19.83
N LEU A 305 19.51 -8.35 19.86
CA LEU A 305 18.54 -7.39 20.45
C LEU A 305 17.23 -8.09 20.78
N ASP A 306 16.63 -7.76 21.93
CA ASP A 306 15.25 -8.17 22.31
C ASP A 306 14.59 -6.98 23.01
N ASN A 307 13.48 -6.49 22.45
CA ASN A 307 12.80 -5.25 22.90
C ASN A 307 11.34 -5.41 22.51
N PRO A 308 10.40 -5.68 23.43
CA PRO A 308 9.01 -5.92 23.03
C PRO A 308 8.31 -4.68 22.43
N THR A 309 8.75 -3.48 22.83
CA THR A 309 8.18 -2.19 22.37
C THR A 309 8.63 -2.00 20.93
N LEU A 310 9.94 -2.05 20.66
CA LEU A 310 10.49 -1.99 19.29
C LEU A 310 9.88 -3.09 18.41
N SER A 311 9.62 -4.26 18.99
CA SER A 311 8.93 -5.39 18.33
C SER A 311 7.50 -5.00 17.99
N PHE A 312 6.83 -4.25 18.88
CA PHE A 312 5.41 -3.95 18.58
C PHE A 312 5.32 -2.80 17.59
N LEU A 313 6.18 -1.79 17.73
CA LEU A 313 6.02 -0.56 16.90
C LEU A 313 6.31 -0.90 15.45
N THR A 314 7.42 -1.60 15.22
CA THR A 314 7.87 -1.94 13.85
C THR A 314 6.87 -2.87 13.17
N THR A 315 6.25 -3.76 13.95
CA THR A 315 5.26 -4.77 13.48
C THR A 315 4.05 -4.03 12.91
N TRP A 316 3.52 -3.09 13.69
CA TRP A 316 2.28 -2.37 13.27
C TRP A 316 2.61 -1.21 12.33
N LEU A 317 3.86 -0.72 12.36
CA LEU A 317 4.35 0.27 11.35
C LEU A 317 4.36 -0.39 9.98
N ALA A 318 4.68 -1.68 9.93
CA ALA A 318 4.67 -2.46 8.69
C ALA A 318 3.22 -2.73 8.30
N ILE A 319 2.40 -3.24 9.22
CA ILE A 319 0.99 -3.60 8.90
C ILE A 319 0.28 -2.35 8.36
N SER A 320 0.77 -1.15 8.71
CA SER A 320 0.10 0.13 8.34
C SER A 320 0.24 0.41 6.84
N ASN A 321 1.16 -0.27 6.15
CA ASN A 321 1.40 -0.01 4.71
C ASN A 321 0.28 -0.64 3.88
N SER A 322 -0.52 -1.51 4.50
CA SER A 322 -1.81 -2.01 3.91
C SER A 322 -2.84 -0.88 3.89
N PHE A 323 -2.61 0.19 4.64
CA PHE A 323 -3.52 1.35 4.73
C PHE A 323 -2.98 2.47 3.84
N CYS A 324 -1.66 2.62 3.78
CA CYS A 324 -1.00 3.67 2.97
C CYS A 324 -1.20 3.41 1.47
N ASN A 325 -1.14 2.13 1.04
CA ASN A 325 -1.36 1.72 -0.37
C ASN A 325 -2.62 2.34 -0.93
N PRO A 326 -3.83 2.09 -0.37
CA PRO A 326 -5.05 2.70 -0.91
C PRO A 326 -5.11 4.23 -0.77
N VAL A 327 -4.36 4.79 0.16
CA VAL A 327 -4.45 6.26 0.39
C VAL A 327 -3.56 6.92 -0.64
N ILE A 328 -2.34 6.44 -0.84
CA ILE A 328 -1.44 7.06 -1.87
C ILE A 328 -2.11 6.96 -3.25
N TYR A 329 -2.72 5.82 -3.56
CA TYR A 329 -3.29 5.51 -4.91
C TYR A 329 -4.45 6.45 -5.25
N ALA A 330 -5.43 6.57 -4.35
CA ALA A 330 -6.65 7.37 -4.58
C ALA A 330 -6.35 8.88 -4.46
N LEU A 331 -5.43 9.24 -3.57
CA LEU A 331 -5.11 10.67 -3.34
C LEU A 331 -4.10 11.21 -4.38
N SER A 332 -3.48 10.37 -5.19
CA SER A 332 -2.55 10.83 -6.25
C SER A 332 -3.31 11.02 -7.57
N ASP A 333 -4.52 10.44 -7.65
CA ASP A 333 -5.47 10.49 -8.80
C ASP A 333 -6.36 11.77 -8.73
N SER A 334 -6.31 12.58 -9.79
CA SER A 334 -7.02 13.88 -9.91
C SER A 334 -8.54 13.70 -9.95
N THR A 335 -9.04 12.60 -10.56
CA THR A 335 -10.52 12.39 -10.69
C THR A 335 -11.14 12.00 -9.35
N PHE A 336 -10.48 11.18 -8.55
CA PHE A 336 -11.01 10.75 -7.23
C PHE A 336 -11.18 11.99 -6.35
N ARG A 337 -10.14 12.82 -6.35
CA ARG A 337 -10.08 14.10 -5.57
C ARG A 337 -11.29 14.97 -5.91
N LEU A 338 -11.56 15.10 -7.21
CA LEU A 338 -12.69 15.89 -7.78
C LEU A 338 -14.00 15.27 -7.28
N GLY A 339 -14.05 13.94 -7.18
CA GLY A 339 -15.25 13.23 -6.69
C GLY A 339 -15.60 13.70 -5.29
N LEU A 340 -14.58 13.89 -4.45
CA LEU A 340 -14.72 14.31 -3.03
C LEU A 340 -15.14 15.77 -2.95
N ARG A 341 -14.58 16.63 -3.81
CA ARG A 341 -14.90 18.09 -3.81
C ARG A 341 -16.35 18.29 -4.29
N ARG A 342 -16.79 17.43 -5.19
CA ARG A 342 -18.19 17.45 -5.71
C ARG A 342 -19.10 16.84 -4.64
N LEU A 343 -18.56 15.93 -3.83
CA LEU A 343 -19.32 15.26 -2.76
C LEU A 343 -19.60 16.30 -1.68
N SER A 344 -18.58 17.06 -1.30
CA SER A 344 -18.71 18.09 -0.25
C SER A 344 -19.78 19.09 -0.67
N GLU A 345 -19.73 19.53 -1.93
CA GLU A 345 -20.71 20.49 -2.48
C GLU A 345 -22.11 19.86 -2.48
N THR A 346 -22.22 18.59 -2.84
CA THR A 346 -23.55 17.91 -2.85
C THR A 346 -24.19 18.01 -1.45
N MET A 347 -23.40 17.70 -0.42
CA MET A 347 -23.82 17.75 1.01
C MET A 347 -24.10 19.19 1.44
N CYS A 348 -23.31 20.13 0.94
CA CYS A 348 -23.41 21.58 1.26
C CYS A 348 -24.70 22.19 0.68
N THR A 349 -24.93 22.03 -0.62
CA THR A 349 -26.12 22.62 -1.30
C THR A 349 -27.38 21.94 -0.75
N SER A 350 -27.31 20.66 -0.38
CA SER A 350 -28.42 19.89 0.25
C SER A 350 -28.61 20.38 1.70
N CYS A 351 -27.52 20.84 2.33
CA CYS A 351 -27.51 21.38 3.72
C CYS A 351 -28.11 22.79 3.68
N MET A 352 -27.83 23.54 2.62
CA MET A 352 -28.43 24.88 2.43
C MET A 352 -29.92 24.67 2.13
N GLU A 353 -30.22 23.61 1.38
CA GLU A 353 -31.60 23.26 0.94
C GLU A 353 -32.44 22.74 2.12
N PHE A 354 -31.92 21.78 2.90
CA PHE A 354 -32.66 21.17 4.03
C PHE A 354 -32.89 22.23 5.12
N LEU A 355 -32.15 23.33 5.02
CA LEU A 355 -32.15 24.43 6.02
C LEU A 355 -33.10 25.53 5.55
N GLU A 356 -33.76 25.36 4.41
CA GLU A 356 -34.64 26.44 3.87
C GLU A 356 -35.81 26.69 4.83
N VAL A 357 -36.31 25.63 5.50
CA VAL A 357 -37.39 25.66 6.53
C VAL A 357 -37.34 26.97 7.32
ZN ZN B . -12.69 23.59 -16.03
C24 OLC C . 8.64 9.00 -2.63
C7 OLC C . 9.69 4.42 8.26
C6 OLC C . 9.07 5.75 7.84
C5 OLC C . 8.45 5.68 6.46
C4 OLC C . 8.92 6.87 5.63
C3 OLC C . 8.79 6.57 4.15
C2 OLC C . 9.79 7.42 3.35
C21 OLC C . 8.97 8.18 -0.33
C1 OLC C . 9.09 7.90 2.10
C22 OLC C . 9.51 9.11 -1.39
O19 OLC C . 7.87 8.03 2.11
O25 OLC C . 9.04 9.95 -3.61
O23 OLC C . 9.42 10.44 -0.89
O20 OLC C . 9.77 8.20 0.86
C8 OLC D . 2.93 6.60 9.47
C24 OLC D . -0.76 10.92 -1.15
C7 OLC D . 4.10 7.24 8.73
C6 OLC D . 3.82 7.38 7.23
C5 OLC D . 4.54 8.57 6.58
C4 OLC D . 4.50 8.55 5.04
C3 OLC D . 3.13 8.08 4.52
C2 OLC D . 2.89 8.50 3.09
C21 OLC D . 0.54 9.84 0.66
C1 OLC D . 1.48 9.07 2.86
C22 OLC D . -0.25 11.06 0.29
O19 OLC D . 0.46 8.68 3.47
O25 OLC D . -0.99 12.21 -1.73
O23 OLC D . -1.35 11.14 1.21
O20 OLC D . 1.31 10.09 1.83
C8 OLC E . -10.32 4.60 19.36
C24 OLC E . -8.58 -3.64 28.93
C7 OLC E . -9.89 3.18 19.68
C6 OLC E . -11.01 2.40 20.39
C5 OLC E . -10.45 1.32 21.31
C4 OLC E . -10.23 1.82 22.74
C3 OLC E . -9.91 0.65 23.66
C2 OLC E . -10.58 0.77 25.03
C21 OLC E . -9.14 -2.32 26.88
C1 OLC E . -10.49 -0.56 25.75
C22 OLC E . -8.94 -2.26 28.39
O19 OLC E . -11.45 -1.30 25.75
O25 OLC E . -8.79 -3.68 30.34
O23 OLC E . -7.86 -1.37 28.65
O20 OLC E . -9.28 -0.97 26.44
C10 OLC F . -9.45 14.59 3.12
C9 OLC F . -9.55 15.13 1.91
C11 OLC F . -8.19 14.70 3.95
C8 OLC F . -8.45 15.91 1.26
C24 OLC F . -13.08 16.33 2.16
C12 OLC F . -8.54 14.18 5.33
C7 OLC F . -8.51 15.74 -0.24
C13 OLC F . -7.36 13.47 5.99
C6 OLC F . -9.81 16.27 -0.83
C14 OLC F . -7.73 12.95 7.38
C5 OLC F . -9.63 16.73 -2.28
C4 OLC F . -8.89 18.06 -2.32
C3 OLC F . -9.79 19.25 -1.97
C2 OLC F . -9.56 19.78 -0.55
C21 OLC F . -12.75 18.56 1.06
C1 OLC F . -10.86 19.95 0.19
C22 OLC F . -13.13 17.08 0.85
O19 OLC F . -10.95 20.86 1.01
O25 OLC F . -13.39 14.94 1.93
O23 OLC F . -14.46 17.01 0.36
O20 OLC F . -12.00 19.06 -0.04
C24 OLC G . -13.85 7.83 -9.11
C5 OLC G . -15.44 7.85 -1.02
C4 OLC G . -15.44 7.98 -2.55
C3 OLC G . -15.68 9.41 -2.95
C2 OLC G . -14.73 9.81 -4.07
C21 OLC G . -15.50 9.05 -7.74
C1 OLC G . -15.47 9.72 -5.37
C22 OLC G . -14.47 9.19 -8.84
O19 OLC G . -16.58 10.19 -5.46
O25 OLC G . -12.64 8.00 -9.85
O23 OLC G . -15.14 9.65 -9.99
O20 OLC G . -14.83 9.09 -6.50
C8 OLC H . -16.46 2.70 2.33
C24 OLC H . -18.06 5.06 -8.60
C7 OLC H . -16.76 2.56 0.84
C6 OLC H . -17.33 3.86 0.27
C5 OLC H . -17.25 3.88 -1.26
C4 OLC H . -18.37 4.73 -1.85
C3 OLC H . -18.31 4.77 -3.37
C2 OLC H . -19.70 4.95 -3.95
C21 OLC H . -19.61 6.60 -7.40
C1 OLC H . -19.70 6.02 -5.01
C22 OLC H . -18.59 6.49 -8.50
O19 OLC H . -20.14 7.13 -4.77
O25 OLC H . -16.66 5.14 -8.81
O23 OLC H . -19.19 6.88 -9.75
O20 OLC H . -19.19 5.77 -6.32
C24 OLC I . -24.27 9.16 -2.21
C5 OLC I . -18.58 6.97 4.94
C4 OLC I . -19.31 6.43 3.71
C3 OLC I . -19.53 7.49 2.63
C2 OLC I . -20.35 6.90 1.48
C21 OLC I . -21.97 8.52 -1.59
C1 OLC I . -20.49 7.88 0.33
C22 OLC I . -23.31 7.97 -2.06
O19 OLC I . -20.00 8.98 0.38
O25 OLC I . -25.49 8.72 -2.84
O23 OLC I . -23.10 7.30 -3.31
O20 OLC I . -21.24 7.52 -0.87
C8 OLC J . 17.43 -22.98 -0.89
C24 OLC J . 19.50 -32.27 8.55
C7 OLC J . 16.98 -23.77 0.34
C6 OLC J . 18.10 -24.29 1.23
C5 OLC J . 17.59 -25.48 2.04
C4 OLC J . 18.41 -25.75 3.29
C3 OLC J . 17.93 -27.03 3.96
C2 OLC J . 18.61 -27.29 5.30
C21 OLC J . 19.03 -30.30 7.13
C1 OLC J . 17.88 -28.40 6.02
C22 OLC J . 18.43 -31.27 8.15
O19 OLC J . 16.82 -28.81 5.57
O25 OLC J . 20.45 -31.56 9.32
O23 OLC J . 17.96 -30.59 9.32
O20 OLC J . 18.41 -29.01 7.22
C24 OLC K . 13.97 -25.36 5.53
C6 OLC K . 19.03 -18.85 2.13
C5 OLC K . 18.99 -20.15 2.91
C4 OLC K . 19.50 -19.93 4.33
C3 OLC K . 19.35 -21.19 5.14
C2 OLC K . 18.09 -21.93 4.69
C21 OLC K . 15.46 -23.71 6.63
C1 OLC K . 17.62 -22.85 5.76
C22 OLC K . 14.11 -23.91 5.94
O19 OLC K . 18.20 -22.96 6.82
O25 OLC K . 12.59 -25.61 5.26
O23 OLC K . 13.07 -23.55 6.85
O20 OLC K . 16.41 -23.62 5.59
C24 OLC L . -1.12 5.87 31.44
C5 OLC L . 0.23 12.54 28.34
C4 OLC L . 0.62 11.54 27.26
C3 OLC L . 1.75 10.62 27.76
C2 OLC L . 1.26 9.36 28.47
C21 OLC L . 0.66 7.65 31.48
C1 OLC L . 1.65 9.35 29.94
C22 OLC L . 0.40 6.14 31.41
O19 OLC L . 1.84 10.41 30.53
O25 OLC L . -1.33 4.53 30.99
O23 OLC L . 0.97 5.57 30.23
O20 OLC L . 1.75 8.08 30.66
C18 OLC M . 9.16 2.57 15.48
C10 OLC M . 8.99 7.68 14.52
C9 OLC M . 9.36 7.62 15.79
C17 OLC M . 10.62 2.19 15.46
C11 OLC M . 9.99 7.49 13.42
C8 OLC M . 10.80 7.34 16.16
C24 OLC M . 12.12 0.53 25.85
C16 OLC M . 11.45 3.33 14.88
C12 OLC M . 9.54 6.41 12.46
C7 OLC M . 10.94 7.58 17.64
C15 OLC M . 10.66 4.06 13.80
C13 OLC M . 10.76 5.66 11.90
C6 OLC M . 10.16 6.54 18.41
C14 OLC M . 11.56 4.99 13.02
C5 OLC M . 11.03 5.33 18.69
C4 OLC M . 10.38 4.47 19.78
C3 OLC M . 11.22 3.23 20.06
C2 OLC M . 10.81 2.56 21.36
C21 OLC M . 12.67 2.55 24.49
C1 OLC M . 12.06 2.24 22.15
C22 OLC M . 13.05 1.71 25.70
O19 OLC M . 13.18 2.39 21.64
O25 OLC M . 12.64 -0.30 26.87
O23 OLC M . 14.38 1.21 25.53
O20 OLC M . 11.98 1.79 23.53
C1 PEG N . -2.32 -20.90 29.32
O1 PEG N . -2.63 -19.53 29.32
C2 PEG N . -0.91 -21.11 29.75
O2 PEG N . -0.03 -20.51 28.80
C3 PEG N . 1.34 -20.80 29.08
C4 PEG N . 2.22 -19.97 28.21
O4 PEG N . 3.52 -19.86 28.75
#